data_8XPK
#
_entry.id   8XPK
#
_cell.length_a   77.313
_cell.length_b   77.313
_cell.length_c   89.536
_cell.angle_alpha   90.00
_cell.angle_beta   90.00
_cell.angle_gamma   90.00
#
_symmetry.space_group_name_H-M   'P 21 2 21'
#
loop_
_entity.id
_entity.type
_entity.pdbx_description
1 polymer Laminarinase
2 branched beta-D-glucopyranose-(1-3)-beta-D-glucopyranose-(1-3)-alpha-D-glucopyranose
3 non-polymer 'CALCIUM ION'
4 water water
#
_entity_poly.entity_id   1
_entity_poly.type   'polypeptide(L)'
_entity_poly.pdbx_seq_one_letter_code
;QNPASTNVIWSQEFDGESLDRNVWSYDVGGHGFGNGQLEFNTDRPENAYLRDGNLVIEARREAYGGNAFTSARIHTRGRF
AFQYGDLEARIKVPDTSDGIWPAFWMLGNNFPGTVWPKCGAADILEIGGKDGIAKGLQNRQINCALHFAGVGEQKTSLVE
WFDAPVDLHLDYHLYKISWTPTHMKFFLDGKEFGSWDITASEMKEYHQPFYPILNVAVGSWTHSYTGLDTPEKITATLPA
RMYVDWIRLYGHPETKLVQNKLEHHHHHH
;
_entity_poly.pdbx_strand_id   A,B
#
# COMPACT_ATOMS: atom_id res chain seq x y z
N ASN A 7 0.27 9.96 31.67
CA ASN A 7 0.04 8.50 31.57
C ASN A 7 0.17 8.00 30.13
N VAL A 8 1.40 7.61 29.74
CA VAL A 8 1.65 7.09 28.41
C VAL A 8 1.11 5.67 28.33
N ILE A 9 0.14 5.44 27.43
CA ILE A 9 -0.51 4.14 27.31
C ILE A 9 -0.15 3.49 25.98
N TRP A 10 0.47 4.26 25.10
CA TRP A 10 0.97 3.74 23.83
C TRP A 10 2.08 4.67 23.37
N SER A 11 3.08 4.11 22.67
CA SER A 11 4.09 4.96 22.06
C SER A 11 4.97 4.18 21.08
N GLN A 12 5.61 4.95 20.22
CA GLN A 12 6.74 4.49 19.45
C GLN A 12 7.88 5.44 19.75
N GLU A 13 8.99 4.88 20.27
CA GLU A 13 10.15 5.66 20.66
C GLU A 13 11.23 5.66 19.59
N PHE A 14 11.10 4.74 18.62
CA PHE A 14 11.93 4.68 17.42
C PHE A 14 13.39 4.50 17.81
N ASP A 15 13.61 3.67 18.83
CA ASP A 15 14.92 3.23 19.26
C ASP A 15 15.60 2.30 18.25
N GLY A 16 14.90 1.40 17.58
CA GLY A 16 15.61 0.29 16.96
C GLY A 16 16.54 0.71 15.80
N GLU A 17 16.89 -0.26 14.96
CA GLU A 17 17.44 -0.01 13.64
C GLU A 17 16.40 -0.26 12.55
N SER A 18 15.15 -0.65 12.87
CA SER A 18 14.16 -0.81 11.81
C SER A 18 12.73 -0.54 12.28
N LEU A 19 11.94 0.01 11.36
CA LEU A 19 10.55 0.37 11.65
C LEU A 19 9.78 -0.92 11.95
N ASP A 20 9.00 -0.90 13.03
CA ASP A 20 8.20 -2.05 13.42
C ASP A 20 6.99 -2.26 12.50
N ARG A 21 7.10 -3.27 11.63
CA ARG A 21 6.09 -3.58 10.62
C ARG A 21 4.87 -4.24 11.26
N ASN A 22 4.97 -4.60 12.55
CA ASN A 22 3.78 -5.04 13.26
C ASN A 22 2.99 -3.86 13.81
N VAL A 23 3.52 -2.64 13.65
CA VAL A 23 2.82 -1.42 14.02
C VAL A 23 2.52 -0.57 12.78
N TRP A 24 3.48 -0.46 11.86
CA TRP A 24 3.33 0.47 10.74
C TRP A 24 3.09 -0.26 9.43
N SER A 25 2.36 0.43 8.54
CA SER A 25 2.29 0.08 7.13
C SER A 25 2.73 1.29 6.32
N TYR A 26 3.14 1.04 5.06
CA TYR A 26 3.51 2.08 4.13
C TYR A 26 2.47 2.24 3.02
N ASP A 27 2.10 3.50 2.75
CA ASP A 27 1.38 3.88 1.56
C ASP A 27 2.37 4.09 0.43
N VAL A 28 2.21 3.29 -0.63
CA VAL A 28 3.15 3.22 -1.72
C VAL A 28 2.43 3.70 -2.97
N GLY A 29 3.10 4.54 -3.76
CA GLY A 29 2.55 5.02 -5.02
C GLY A 29 3.05 6.42 -5.34
N GLY A 30 2.82 6.85 -6.57
CA GLY A 30 3.22 8.16 -7.06
C GLY A 30 2.07 8.89 -7.75
N HIS A 31 0.85 8.57 -7.32
CA HIS A 31 -0.34 8.97 -8.02
C HIS A 31 -0.90 10.29 -7.48
N GLY A 32 -0.22 10.91 -6.51
CA GLY A 32 -0.55 12.26 -6.09
C GLY A 32 -1.38 12.37 -4.81
N PHE A 33 -2.00 11.26 -4.37
CA PHE A 33 -2.68 11.15 -3.07
C PHE A 33 -3.82 12.16 -2.88
N GLY A 34 -4.46 12.51 -4.00
CA GLY A 34 -5.64 13.35 -3.99
C GLY A 34 -5.28 14.83 -3.98
N ASN A 35 -3.98 15.18 -4.07
CA ASN A 35 -3.52 16.55 -3.94
C ASN A 35 -2.55 16.97 -5.06
N GLY A 36 -2.33 16.14 -6.10
CA GLY A 36 -1.33 16.38 -7.14
C GLY A 36 0.12 16.37 -6.63
N GLN A 37 0.38 15.59 -5.58
CA GLN A 37 1.72 15.50 -5.01
C GLN A 37 2.65 14.84 -6.02
N LEU A 38 3.93 15.22 -5.97
CA LEU A 38 4.91 14.78 -6.95
C LEU A 38 5.74 13.57 -6.50
N GLU A 39 5.72 13.21 -5.21
CA GLU A 39 6.61 12.18 -4.70
C GLU A 39 6.00 10.79 -4.90
N PHE A 40 6.89 9.83 -5.19
CA PHE A 40 6.55 8.41 -5.14
C PHE A 40 6.90 7.96 -3.72
N ASN A 41 5.87 7.64 -2.92
CA ASN A 41 6.12 7.19 -1.55
C ASN A 41 6.47 5.70 -1.63
N THR A 42 7.59 5.31 -1.01
CA THR A 42 8.11 3.95 -1.14
C THR A 42 8.18 3.31 0.24
N ASP A 43 8.41 1.99 0.26
CA ASP A 43 8.66 1.29 1.52
C ASP A 43 10.15 0.97 1.68
N ARG A 44 11.00 1.68 0.95
CA ARG A 44 12.44 1.41 0.93
C ARG A 44 13.14 2.04 2.15
N PRO A 45 14.24 1.43 2.63
CA PRO A 45 15.03 2.05 3.69
C PRO A 45 15.58 3.41 3.31
N GLU A 46 15.71 3.70 2.00
CA GLU A 46 16.21 5.01 1.58
C GLU A 46 15.26 6.14 2.02
N ASN A 47 13.96 5.84 2.16
CA ASN A 47 12.97 6.88 2.44
C ASN A 47 12.47 6.87 3.89
N ALA A 48 12.55 5.72 4.55
CA ALA A 48 12.13 5.66 5.94
C ALA A 48 13.04 4.71 6.70
N TYR A 49 13.69 5.24 7.74
CA TYR A 49 14.68 4.47 8.49
C TYR A 49 14.78 5.04 9.91
N LEU A 50 15.31 4.21 10.80
CA LEU A 50 15.56 4.58 12.17
C LEU A 50 17.07 4.67 12.36
N ARG A 51 17.51 5.70 13.08
CA ARG A 51 18.86 5.68 13.63
C ARG A 51 18.96 6.73 14.73
N ASP A 52 19.80 6.44 15.72
CA ASP A 52 20.12 7.39 16.79
C ASP A 52 18.88 7.82 17.57
N GLY A 53 17.83 6.98 17.60
CA GLY A 53 16.66 7.22 18.43
C GLY A 53 15.55 7.96 17.67
N ASN A 54 15.73 8.13 16.35
CA ASN A 54 14.75 8.83 15.54
C ASN A 54 14.22 7.96 14.39
N LEU A 55 12.93 8.13 14.09
CA LEU A 55 12.45 7.85 12.77
C LEU A 55 12.95 8.97 11.86
N VAL A 56 13.48 8.62 10.69
CA VAL A 56 13.73 9.62 9.67
C VAL A 56 12.89 9.29 8.44
N ILE A 57 12.06 10.25 8.02
CA ILE A 57 11.45 10.19 6.69
C ILE A 57 12.22 11.15 5.77
N GLU A 58 12.77 10.60 4.68
CA GLU A 58 13.63 11.38 3.80
C GLU A 58 13.00 11.45 2.41
N ALA A 59 12.74 12.69 1.97
CA ALA A 59 12.38 12.99 0.60
C ALA A 59 13.63 13.29 -0.22
N ARG A 60 13.67 12.77 -1.44
CA ARG A 60 14.82 12.86 -2.32
C ARG A 60 14.35 13.25 -3.70
N ARG A 61 15.19 14.00 -4.40
CA ARG A 61 15.05 14.22 -5.83
C ARG A 61 15.69 13.02 -6.52
N GLU A 62 14.87 12.22 -7.19
CA GLU A 62 15.25 10.89 -7.64
C GLU A 62 14.22 10.37 -8.64
N ALA A 63 14.67 9.88 -9.81
CA ALA A 63 13.79 9.23 -10.76
C ALA A 63 13.34 7.88 -10.19
N TYR A 64 12.03 7.70 -10.05
CA TYR A 64 11.46 6.52 -9.39
C TYR A 64 10.00 6.39 -9.79
N GLY A 65 9.70 5.31 -10.53
CA GLY A 65 8.36 4.88 -10.88
C GLY A 65 7.59 5.89 -11.72
N GLY A 66 8.32 6.72 -12.48
CA GLY A 66 7.73 7.76 -13.29
C GLY A 66 7.69 9.11 -12.57
N ASN A 67 7.99 9.15 -11.26
CA ASN A 67 8.05 10.40 -10.53
C ASN A 67 9.51 10.90 -10.44
N ALA A 68 9.67 12.17 -10.06
CA ALA A 68 10.96 12.83 -9.95
C ALA A 68 11.45 12.92 -8.50
N PHE A 69 10.63 12.46 -7.53
CA PHE A 69 10.99 12.46 -6.12
C PHE A 69 10.55 11.17 -5.44
N THR A 70 11.24 10.77 -4.36
CA THR A 70 10.77 9.70 -3.48
C THR A 70 10.62 10.25 -2.06
N SER A 71 9.81 9.55 -1.25
CA SER A 71 9.60 9.89 0.15
C SER A 71 8.88 8.70 0.78
N ALA A 72 8.26 8.95 1.94
CA ALA A 72 7.47 7.92 2.61
C ALA A 72 6.26 8.53 3.29
N ARG A 73 5.30 7.64 3.52
CA ARG A 73 4.04 7.97 4.15
C ARG A 73 3.58 6.72 4.93
N ILE A 74 3.60 6.85 6.26
CA ILE A 74 3.42 5.67 7.10
C ILE A 74 2.26 5.92 8.03
N HIS A 75 1.62 4.82 8.47
CA HIS A 75 0.47 4.94 9.34
C HIS A 75 0.27 3.65 10.14
N THR A 76 -0.62 3.70 11.15
CA THR A 76 -0.83 2.53 12.00
C THR A 76 -2.21 1.89 11.78
N ARG A 77 -2.81 2.09 10.61
CA ARG A 77 -4.08 1.45 10.30
C ARG A 77 -4.02 -0.07 10.57
N GLY A 78 -4.99 -0.55 11.33
CA GLY A 78 -5.18 -1.96 11.59
C GLY A 78 -4.37 -2.46 12.78
N ARG A 79 -3.47 -1.61 13.31
CA ARG A 79 -2.57 -2.01 14.38
C ARG A 79 -2.68 -1.09 15.59
N PHE A 80 -2.91 0.22 15.38
CA PHE A 80 -3.16 1.13 16.49
C PHE A 80 -4.22 2.16 16.10
N ALA A 81 -5.16 2.38 17.03
CA ALA A 81 -6.13 3.46 16.93
C ALA A 81 -6.60 3.79 18.34
N PHE A 82 -7.12 4.99 18.53
CA PHE A 82 -7.65 5.40 19.81
C PHE A 82 -8.78 6.39 19.62
N GLN A 83 -9.64 6.51 20.65
CA GLN A 83 -10.67 7.52 20.73
C GLN A 83 -10.53 8.26 22.05
N TYR A 84 -10.17 9.55 21.94
CA TYR A 84 -9.96 10.46 23.04
C TYR A 84 -8.58 10.22 23.63
N GLY A 85 -7.91 11.33 23.95
CA GLY A 85 -6.58 11.33 24.50
C GLY A 85 -5.75 12.50 23.99
N ASP A 86 -4.51 12.58 24.45
CA ASP A 86 -3.54 13.54 23.93
C ASP A 86 -2.50 12.75 23.13
N LEU A 87 -2.42 13.01 21.83
CA LEU A 87 -1.42 12.38 20.97
C LEU A 87 -0.35 13.44 20.64
N GLU A 88 0.91 13.19 21.01
CA GLU A 88 1.97 14.17 20.80
C GLU A 88 3.16 13.50 20.14
N ALA A 89 3.81 14.22 19.20
CA ALA A 89 5.04 13.77 18.59
C ALA A 89 6.10 14.87 18.70
N ARG A 90 7.34 14.44 18.94
CA ARG A 90 8.49 15.31 19.00
C ARG A 90 9.17 15.26 17.64
N ILE A 91 9.07 16.37 16.88
CA ILE A 91 9.48 16.35 15.49
C ILE A 91 10.42 17.53 15.20
N LYS A 92 11.42 17.23 14.36
CA LYS A 92 12.24 18.24 13.71
C LYS A 92 11.94 18.19 12.22
N VAL A 93 11.13 19.14 11.75
CA VAL A 93 10.81 19.21 10.34
C VAL A 93 12.01 19.67 9.53
N PRO A 94 12.06 19.32 8.24
CA PRO A 94 13.06 19.85 7.31
C PRO A 94 12.70 21.28 6.91
N ASP A 95 13.69 21.99 6.35
CA ASP A 95 13.45 23.26 5.68
C ASP A 95 12.52 22.98 4.50
N THR A 96 11.28 23.48 4.57
CA THR A 96 10.27 23.30 3.54
C THR A 96 10.55 24.19 2.32
N SER A 97 11.53 25.11 2.47
CA SER A 97 12.09 25.98 1.44
C SER A 97 10.95 26.38 0.57
N ASP A 98 10.99 25.98 -0.71
CA ASP A 98 9.69 25.93 -1.37
C ASP A 98 9.43 24.52 -1.90
N GLY A 99 8.36 23.93 -1.38
CA GLY A 99 7.77 22.78 -2.03
C GLY A 99 7.69 21.55 -1.15
N ILE A 100 8.45 21.49 -0.05
CA ILE A 100 8.34 20.36 0.86
C ILE A 100 7.12 20.56 1.77
N TRP A 101 6.40 19.47 2.01
CA TRP A 101 5.12 19.51 2.72
C TRP A 101 5.05 18.38 3.74
N PRO A 102 5.68 18.53 4.93
CA PRO A 102 5.56 17.55 5.99
C PRO A 102 4.19 17.60 6.64
N ALA A 103 3.74 16.45 7.16
CA ALA A 103 2.51 16.43 7.92
C ALA A 103 2.50 15.34 8.98
N PHE A 104 1.76 15.66 10.06
CA PHE A 104 1.36 14.72 11.10
C PHE A 104 -0.12 14.90 11.33
N TRP A 105 -0.89 13.81 11.13
CA TRP A 105 -2.33 13.91 10.97
C TRP A 105 -2.98 12.56 11.29
N MET A 106 -4.30 12.52 11.25
CA MET A 106 -5.09 11.40 11.74
C MET A 106 -6.30 11.21 10.84
N LEU A 107 -6.67 9.94 10.61
CA LEU A 107 -7.87 9.56 9.88
C LEU A 107 -8.74 8.69 10.77
N GLY A 108 -10.05 8.78 10.56
CA GLY A 108 -10.95 7.85 11.24
C GLY A 108 -10.59 6.42 10.90
N ASN A 109 -10.75 5.54 11.88
CA ASN A 109 -10.32 4.16 11.79
C ASN A 109 -11.21 3.36 10.85
N ASN A 110 -12.27 3.97 10.30
CA ASN A 110 -13.11 3.28 9.32
C ASN A 110 -12.64 3.62 7.91
N PHE A 111 -11.57 4.40 7.78
CA PHE A 111 -10.97 4.65 6.48
C PHE A 111 -10.01 3.50 6.17
N PRO A 112 -9.95 2.99 4.92
CA PRO A 112 -10.68 3.51 3.75
C PRO A 112 -12.05 2.97 3.35
N GLY A 113 -12.62 2.07 4.14
CA GLY A 113 -13.94 1.51 3.84
C GLY A 113 -15.00 2.61 3.77
N THR A 114 -14.93 3.50 4.74
CA THR A 114 -15.68 4.76 4.72
C THR A 114 -14.80 5.80 4.04
N VAL A 115 -15.31 6.41 2.97
CA VAL A 115 -14.46 7.27 2.14
C VAL A 115 -14.17 8.60 2.86
N TRP A 116 -13.06 9.22 2.48
CA TRP A 116 -12.74 10.56 2.91
C TRP A 116 -13.73 11.53 2.27
N PRO A 117 -14.25 12.58 2.97
CA PRO A 117 -13.94 12.86 4.37
C PRO A 117 -14.93 12.36 5.43
N LYS A 118 -15.84 11.47 5.02
CA LYS A 118 -16.86 10.95 5.90
C LYS A 118 -16.24 10.23 7.08
N CYS A 119 -14.99 9.73 6.91
CA CYS A 119 -14.29 9.03 7.96
C CYS A 119 -13.82 10.00 9.04
N GLY A 120 -13.73 11.29 8.71
CA GLY A 120 -13.16 12.26 9.62
C GLY A 120 -11.65 12.33 9.47
N ALA A 121 -11.10 13.55 9.59
CA ALA A 121 -9.66 13.77 9.55
C ALA A 121 -9.28 14.94 10.44
N ALA A 122 -8.11 14.83 11.07
CA ALA A 122 -7.56 15.89 11.90
C ALA A 122 -6.09 16.07 11.55
N ASP A 123 -5.75 17.32 11.19
CA ASP A 123 -4.38 17.73 10.89
C ASP A 123 -3.79 18.35 12.14
N ILE A 124 -2.76 17.69 12.69
CA ILE A 124 -2.11 18.19 13.89
C ILE A 124 -1.04 19.20 13.49
N LEU A 125 -0.20 18.81 12.54
CA LEU A 125 0.83 19.68 12.01
C LEU A 125 0.84 19.57 10.49
N GLU A 126 0.72 20.74 9.83
CA GLU A 126 0.99 20.90 8.41
C GLU A 126 1.87 22.14 8.26
N ILE A 127 2.96 22.03 7.49
CA ILE A 127 3.85 23.15 7.28
C ILE A 127 4.31 23.07 5.82
N GLY A 128 4.67 24.23 5.27
CA GLY A 128 5.12 24.35 3.88
C GLY A 128 4.07 24.90 2.91
N GLY A 129 3.09 25.66 3.41
CA GLY A 129 1.97 26.12 2.60
C GLY A 129 2.31 27.32 1.72
N LYS A 130 1.51 27.52 0.68
CA LYS A 130 1.72 28.59 -0.28
C LYS A 130 1.63 29.97 0.37
N ASP A 131 0.75 30.16 1.37
CA ASP A 131 0.63 31.46 2.03
C ASP A 131 1.94 31.76 2.76
N GLY A 132 2.47 30.77 3.48
CA GLY A 132 3.80 30.88 4.07
C GLY A 132 4.84 31.33 3.04
N ILE A 133 4.83 30.71 1.85
CA ILE A 133 5.78 31.01 0.82
C ILE A 133 5.62 32.47 0.39
N ALA A 134 4.40 32.94 0.25
CA ALA A 134 4.16 34.29 -0.23
C ALA A 134 4.58 35.32 0.82
N LYS A 135 4.46 34.98 2.11
CA LYS A 135 4.67 35.96 3.16
C LYS A 135 6.07 35.86 3.75
N GLY A 136 6.93 35.00 3.20
CA GLY A 136 8.28 34.82 3.71
C GLY A 136 8.27 34.17 5.09
N LEU A 137 7.22 33.39 5.40
CA LEU A 137 7.14 32.71 6.69
C LEU A 137 7.25 31.20 6.52
N GLN A 138 8.00 30.73 5.52
CA GLN A 138 8.24 29.30 5.36
C GLN A 138 8.79 28.77 6.69
N ASN A 139 8.30 27.63 7.18
CA ASN A 139 8.85 27.07 8.42
C ASN A 139 8.42 27.80 9.68
N ARG A 140 7.66 28.90 9.56
CA ARG A 140 7.03 29.51 10.73
C ARG A 140 5.51 29.30 10.71
N GLN A 141 4.90 29.50 9.53
CA GLN A 141 3.46 29.37 9.36
C GLN A 141 3.08 27.89 9.28
N ILE A 142 2.30 27.45 10.26
CA ILE A 142 1.74 26.11 10.28
C ILE A 142 0.22 26.22 10.32
N ASN A 143 -0.44 25.06 10.16
CA ASN A 143 -1.85 25.01 10.44
C ASN A 143 -2.21 23.67 11.06
N CYS A 144 -3.32 23.70 11.80
CA CYS A 144 -4.11 22.52 12.16
C CYS A 144 -5.44 22.61 11.42
N ALA A 145 -6.18 21.49 11.38
CA ALA A 145 -7.42 21.45 10.62
C ALA A 145 -8.29 20.25 10.98
N LEU A 146 -9.60 20.40 10.71
CA LEU A 146 -10.55 19.30 10.66
C LEU A 146 -11.14 19.21 9.25
N HIS A 147 -11.19 17.97 8.71
CA HIS A 147 -11.87 17.68 7.45
C HIS A 147 -12.90 16.58 7.68
N PHE A 148 -14.15 16.82 7.32
CA PHE A 148 -15.21 15.90 7.66
C PHE A 148 -16.39 16.14 6.73
N ALA A 149 -17.41 15.28 6.85
CA ALA A 149 -18.69 15.47 6.17
C ALA A 149 -19.61 16.32 7.05
N GLY A 150 -19.81 17.56 6.64
CA GLY A 150 -20.48 18.55 7.46
C GLY A 150 -21.98 18.57 7.23
N VAL A 151 -22.57 19.77 7.34
CA VAL A 151 -23.95 19.96 6.97
C VAL A 151 -24.08 19.43 5.55
N GLY A 152 -25.21 18.73 5.32
CA GLY A 152 -25.53 18.17 4.01
C GLY A 152 -24.66 16.98 3.65
N GLU A 153 -23.82 16.55 4.62
CA GLU A 153 -22.87 15.49 4.40
C GLU A 153 -21.77 15.94 3.43
N GLN A 154 -21.64 17.27 3.21
CA GLN A 154 -20.71 17.74 2.20
C GLN A 154 -19.36 18.01 2.85
N LYS A 155 -18.28 17.78 2.10
CA LYS A 155 -16.92 18.06 2.55
C LYS A 155 -16.88 19.43 3.23
N THR A 156 -16.37 19.44 4.47
CA THR A 156 -16.22 20.68 5.24
C THR A 156 -14.80 20.70 5.77
N SER A 157 -14.15 21.87 5.73
CA SER A 157 -12.83 22.04 6.34
C SER A 157 -12.82 23.20 7.34
N LEU A 158 -12.25 22.95 8.52
CA LEU A 158 -12.00 24.01 9.50
C LEU A 158 -10.49 24.11 9.69
N VAL A 159 -9.94 25.31 9.47
CA VAL A 159 -8.50 25.51 9.43
C VAL A 159 -8.14 26.68 10.36
N GLU A 160 -7.11 26.46 11.19
CA GLU A 160 -6.52 27.50 12.03
C GLU A 160 -5.04 27.61 11.70
N TRP A 161 -4.61 28.83 11.34
CA TRP A 161 -3.24 29.15 10.99
C TRP A 161 -2.53 29.76 12.19
N PHE A 162 -1.23 29.47 12.32
CA PHE A 162 -0.40 30.04 13.37
C PHE A 162 0.99 30.33 12.83
N ASP A 163 1.49 31.55 13.11
CA ASP A 163 2.85 31.94 12.79
C ASP A 163 3.70 31.66 14.03
N ALA A 164 4.48 30.60 13.98
CA ALA A 164 5.34 30.26 15.11
C ALA A 164 6.38 31.36 15.30
N PRO A 165 6.82 31.62 16.55
CA PRO A 165 7.81 32.65 16.82
C PRO A 165 9.21 32.34 16.30
N VAL A 166 9.50 31.06 15.98
CA VAL A 166 10.83 30.68 15.56
C VAL A 166 10.74 29.72 14.39
N ASP A 167 11.85 29.61 13.65
CA ASP A 167 11.97 28.68 12.56
C ASP A 167 11.93 27.25 13.09
N LEU A 168 10.88 26.52 12.75
CA LEU A 168 10.62 25.24 13.37
C LEU A 168 11.55 24.13 12.85
N HIS A 169 12.29 24.38 11.76
CA HIS A 169 13.18 23.36 11.20
C HIS A 169 14.50 23.31 11.96
N LEU A 170 14.72 24.27 12.87
CA LEU A 170 15.99 24.44 13.54
C LEU A 170 16.16 23.48 14.72
N ASP A 171 15.06 22.92 15.22
CA ASP A 171 15.12 22.07 16.39
C ASP A 171 13.83 21.26 16.47
N TYR A 172 13.82 20.32 17.42
CA TYR A 172 12.64 19.51 17.71
C TYR A 172 11.61 20.41 18.39
N HIS A 173 10.34 20.18 18.04
CA HIS A 173 9.21 20.79 18.72
C HIS A 173 8.15 19.73 18.99
N LEU A 174 7.25 20.06 19.90
CA LEU A 174 6.21 19.14 20.30
C LEU A 174 4.90 19.58 19.62
N TYR A 175 4.32 18.65 18.88
CA TYR A 175 3.06 18.86 18.18
C TYR A 175 2.02 17.90 18.74
N LYS A 176 0.92 18.47 19.26
CA LYS A 176 -0.03 17.69 20.05
C LYS A 176 -1.46 18.04 19.68
N ILE A 177 -2.30 16.99 19.64
CA ILE A 177 -3.75 17.15 19.72
C ILE A 177 -4.24 16.73 21.11
N SER A 178 -5.19 17.47 21.67
CA SER A 178 -5.93 17.07 22.85
C SER A 178 -7.39 16.88 22.46
N TRP A 179 -7.87 15.65 22.58
CA TRP A 179 -9.16 15.22 22.03
C TRP A 179 -10.04 14.68 23.14
N THR A 180 -11.13 15.40 23.43
CA THR A 180 -12.07 15.02 24.47
C THR A 180 -13.43 14.76 23.84
N PRO A 181 -14.45 14.31 24.62
CA PRO A 181 -15.82 14.22 24.07
C PRO A 181 -16.40 15.57 23.63
N THR A 182 -15.82 16.71 24.08
CA THR A 182 -16.37 18.00 23.70
C THR A 182 -15.50 18.74 22.67
N HIS A 183 -14.16 18.51 22.63
CA HIS A 183 -13.27 19.34 21.82
C HIS A 183 -12.11 18.56 21.17
N MET A 184 -11.55 19.16 20.11
CA MET A 184 -10.19 18.89 19.67
C MET A 184 -9.36 20.17 19.69
N LYS A 185 -8.24 20.13 20.43
CA LYS A 185 -7.34 21.26 20.55
C LYS A 185 -5.95 20.86 20.05
N PHE A 186 -5.23 21.86 19.54
CA PHE A 186 -3.92 21.67 18.93
C PHE A 186 -2.89 22.60 19.57
N PHE A 187 -1.67 22.06 19.77
CA PHE A 187 -0.65 22.66 20.59
C PHE A 187 0.71 22.61 19.89
N LEU A 188 1.47 23.68 20.08
CA LEU A 188 2.89 23.69 19.78
C LEU A 188 3.65 24.00 21.06
N ASP A 189 4.56 23.10 21.43
CA ASP A 189 5.33 23.21 22.66
C ASP A 189 4.43 23.52 23.85
N GLY A 190 3.35 22.77 23.97
CA GLY A 190 2.47 22.91 25.11
C GLY A 190 1.46 24.05 24.98
N LYS A 191 1.62 24.92 23.98
CA LYS A 191 0.80 26.12 23.86
C LYS A 191 -0.28 25.89 22.81
N GLU A 192 -1.54 26.07 23.21
CA GLU A 192 -2.69 25.86 22.33
C GLU A 192 -2.68 26.87 21.19
N PHE A 193 -2.84 26.43 19.95
CA PHE A 193 -2.98 27.38 18.84
C PHE A 193 -4.23 27.12 18.00
N GLY A 194 -5.05 26.13 18.39
CA GLY A 194 -6.27 25.83 17.67
C GLY A 194 -7.19 25.00 18.54
N SER A 195 -8.49 25.15 18.29
CA SER A 195 -9.54 24.55 19.10
C SER A 195 -10.86 24.57 18.34
N TRP A 196 -11.53 23.40 18.27
CA TRP A 196 -12.91 23.30 17.80
C TRP A 196 -13.72 22.43 18.75
N ASP A 197 -14.93 22.90 19.03
CA ASP A 197 -15.98 22.07 19.62
C ASP A 197 -16.40 21.02 18.59
N ILE A 198 -16.58 19.77 19.03
CA ILE A 198 -16.94 18.67 18.14
C ILE A 198 -18.23 18.01 18.60
N THR A 199 -19.13 18.73 19.30
CA THR A 199 -20.34 18.13 19.84
C THR A 199 -21.52 18.30 18.88
N ALA A 200 -21.37 19.08 17.81
CA ALA A 200 -22.48 19.35 16.90
C ALA A 200 -22.83 18.08 16.12
N SER A 201 -24.10 17.97 15.75
CA SER A 201 -24.64 16.78 15.10
C SER A 201 -23.85 16.39 13.84
N GLU A 202 -23.27 17.38 13.13
CA GLU A 202 -22.61 17.09 11.89
C GLU A 202 -21.21 16.53 12.12
N MET A 203 -20.75 16.45 13.38
CA MET A 203 -19.36 16.08 13.66
C MET A 203 -19.27 14.76 14.43
N LYS A 204 -20.26 13.88 14.25
CA LYS A 204 -20.24 12.62 14.99
C LYS A 204 -19.07 11.72 14.54
N GLU A 205 -18.52 11.95 13.35
CA GLU A 205 -17.35 11.19 12.89
C GLU A 205 -16.15 11.34 13.83
N TYR A 206 -16.18 12.34 14.74
CA TYR A 206 -15.07 12.56 15.65
C TYR A 206 -15.27 11.81 16.97
N HIS A 207 -16.24 10.91 17.02
CA HIS A 207 -16.50 10.10 18.21
C HIS A 207 -16.40 8.64 17.79
N GLN A 208 -15.27 8.31 17.15
CA GLN A 208 -14.88 6.95 16.83
C GLN A 208 -13.35 6.90 16.97
N PRO A 209 -12.70 5.72 16.96
CA PRO A 209 -11.23 5.63 16.91
C PRO A 209 -10.65 6.25 15.65
N PHE A 210 -9.43 6.80 15.81
CA PHE A 210 -8.63 7.40 14.75
C PHE A 210 -7.21 6.85 14.81
N TYR A 211 -6.50 6.89 13.68
CA TYR A 211 -5.11 6.45 13.66
C TYR A 211 -4.24 7.56 13.09
N PRO A 212 -2.96 7.63 13.51
CA PRO A 212 -2.04 8.62 12.97
C PRO A 212 -1.33 8.24 11.67
N ILE A 213 -0.91 9.29 10.94
CA ILE A 213 -0.14 9.18 9.69
C ILE A 213 1.00 10.19 9.77
N LEU A 214 2.18 9.82 9.24
CA LEU A 214 3.30 10.74 9.09
C LEU A 214 3.87 10.63 7.67
N ASN A 215 4.22 11.77 7.08
CA ASN A 215 4.66 11.79 5.69
C ASN A 215 5.42 13.07 5.41
N VAL A 216 6.20 13.06 4.33
CA VAL A 216 6.75 14.28 3.76
C VAL A 216 6.42 14.29 2.28
N ALA A 217 5.46 15.12 1.90
CA ALA A 217 5.08 15.23 0.50
C ALA A 217 5.99 16.24 -0.16
N VAL A 218 6.05 16.15 -1.49
CA VAL A 218 6.72 17.12 -2.33
C VAL A 218 5.73 17.62 -3.37
N GLY A 219 5.44 18.91 -3.33
CA GLY A 219 4.61 19.54 -4.33
C GLY A 219 3.13 19.23 -4.08
N SER A 220 2.29 19.84 -4.92
CA SER A 220 0.86 19.65 -4.92
C SER A 220 0.39 20.39 -6.16
N TRP A 221 -0.90 20.23 -6.51
CA TRP A 221 -1.49 21.10 -7.50
C TRP A 221 -1.32 22.56 -7.05
N THR A 222 -1.38 23.48 -8.01
CA THR A 222 -1.21 24.90 -7.71
C THR A 222 -2.33 25.36 -6.77
N HIS A 223 -3.53 24.78 -6.93
CA HIS A 223 -4.67 25.12 -6.10
C HIS A 223 -4.68 24.37 -4.75
N SER A 224 -3.70 23.47 -4.55
CA SER A 224 -3.59 22.71 -3.32
C SER A 224 -2.54 23.36 -2.41
N TYR A 225 -2.00 22.61 -1.45
CA TYR A 225 -1.35 23.16 -0.28
C TYR A 225 -0.12 24.02 -0.60
N THR A 226 0.79 23.57 -1.47
CA THR A 226 2.11 24.18 -1.63
C THR A 226 2.12 25.23 -2.73
N GLY A 227 1.15 25.13 -3.66
CA GLY A 227 1.13 26.02 -4.79
C GLY A 227 2.12 25.65 -5.89
N LEU A 228 2.84 24.53 -5.78
CA LEU A 228 3.92 24.26 -6.71
C LEU A 228 3.76 22.85 -7.30
N ASP A 229 3.49 22.78 -8.60
CA ASP A 229 2.91 21.56 -9.19
C ASP A 229 3.84 20.82 -10.16
N THR A 230 5.08 21.29 -10.35
CA THR A 230 6.03 20.60 -11.22
C THR A 230 7.35 20.39 -10.46
N PRO A 231 8.12 19.37 -10.86
CA PRO A 231 9.44 19.16 -10.27
C PRO A 231 10.36 20.38 -10.37
N GLU A 232 10.23 21.15 -11.45
CA GLU A 232 11.12 22.27 -11.68
C GLU A 232 10.72 23.41 -10.76
N LYS A 233 9.49 23.42 -10.22
CA LYS A 233 9.07 24.46 -9.28
C LYS A 233 9.49 24.18 -7.85
N ILE A 234 9.96 22.96 -7.57
CA ILE A 234 10.41 22.63 -6.22
C ILE A 234 11.84 23.14 -6.06
N THR A 235 12.07 24.02 -5.08
CA THR A 235 13.39 24.59 -4.85
C THR A 235 13.97 24.11 -3.52
N ALA A 236 13.23 23.31 -2.75
CA ALA A 236 13.68 23.01 -1.41
C ALA A 236 14.96 22.17 -1.41
N THR A 237 15.70 22.30 -0.31
CA THR A 237 16.89 21.52 -0.04
C THR A 237 16.50 20.05 0.03
N LEU A 238 17.14 19.25 -0.84
CA LEU A 238 16.93 17.81 -0.89
C LEU A 238 18.29 17.12 -0.94
N PRO A 239 18.50 16.03 -0.18
CA PRO A 239 17.44 15.40 0.61
C PRO A 239 16.89 16.22 1.79
N ALA A 240 15.60 16.02 2.07
CA ALA A 240 14.88 16.69 3.14
C ALA A 240 14.50 15.64 4.18
N ARG A 241 14.90 15.85 5.44
CA ARG A 241 14.71 14.83 6.46
C ARG A 241 13.80 15.37 7.55
N MET A 242 12.69 14.66 7.80
CA MET A 242 11.87 14.89 8.97
C MET A 242 12.27 13.87 10.03
N TYR A 243 12.74 14.37 11.19
CA TYR A 243 13.14 13.51 12.29
C TYR A 243 12.02 13.43 13.31
N VAL A 244 11.64 12.21 13.72
CA VAL A 244 10.61 12.03 14.74
C VAL A 244 11.23 11.20 15.86
N ASP A 245 11.42 11.84 17.00
CA ASP A 245 12.07 11.20 18.13
C ASP A 245 11.09 10.24 18.80
N TRP A 246 9.83 10.64 18.86
CA TRP A 246 8.83 9.79 19.46
C TRP A 246 7.43 10.27 19.13
N ILE A 247 6.48 9.33 19.21
CA ILE A 247 5.06 9.63 19.18
C ILE A 247 4.42 8.88 20.35
N ARG A 248 3.70 9.64 21.19
CA ARG A 248 3.15 9.12 22.44
C ARG A 248 1.65 9.43 22.58
N LEU A 249 0.91 8.46 23.12
CA LEU A 249 -0.48 8.67 23.52
C LEU A 249 -0.54 8.78 25.04
N TYR A 250 -0.99 9.95 25.52
CA TYR A 250 -1.31 10.16 26.92
C TYR A 250 -2.80 9.90 27.07
N GLY A 251 -3.13 8.95 27.96
CA GLY A 251 -4.49 8.48 28.13
C GLY A 251 -5.36 9.46 28.93
N HIS A 252 -6.65 9.48 28.62
CA HIS A 252 -7.65 10.09 29.48
C HIS A 252 -8.52 8.98 30.06
N PRO A 253 -9.36 9.25 31.08
CA PRO A 253 -10.30 8.26 31.58
C PRO A 253 -11.18 7.63 30.49
N GLU A 254 -11.62 8.45 29.53
CA GLU A 254 -12.57 8.01 28.52
C GLU A 254 -11.88 7.43 27.29
N THR A 255 -10.53 7.32 27.33
CA THR A 255 -9.80 6.82 26.17
C THR A 255 -10.23 5.39 25.87
N LYS A 256 -10.50 5.11 24.59
CA LYS A 256 -10.62 3.76 24.10
C LYS A 256 -9.39 3.45 23.25
N LEU A 257 -8.64 2.42 23.61
CA LEU A 257 -7.44 2.07 22.89
C LEU A 257 -7.73 0.80 22.10
N VAL A 258 -7.37 0.82 20.82
CA VAL A 258 -7.64 -0.30 19.94
C VAL A 258 -6.34 -0.82 19.37
N GLN A 259 -6.05 -2.09 19.65
CA GLN A 259 -4.80 -2.73 19.30
C GLN A 259 -5.06 -4.18 18.94
N ASN A 260 -4.92 -4.50 17.65
CA ASN A 260 -4.96 -5.88 17.20
C ASN A 260 -3.60 -6.26 16.62
N ASN B 7 14.83 -29.54 -2.35
CA ASN B 7 15.63 -28.66 -1.44
C ASN B 7 14.94 -27.31 -1.24
N VAL B 8 14.07 -27.23 -0.23
CA VAL B 8 13.36 -26.01 0.09
C VAL B 8 14.32 -25.07 0.80
N ILE B 9 14.55 -23.88 0.20
CA ILE B 9 15.46 -22.90 0.80
C ILE B 9 14.67 -21.67 1.26
N TRP B 10 13.40 -21.60 0.86
CA TRP B 10 12.49 -20.59 1.37
C TRP B 10 11.08 -21.14 1.26
N SER B 11 10.22 -20.78 2.21
CA SER B 11 8.84 -21.16 2.13
C SER B 11 8.00 -20.38 3.13
N GLN B 12 6.71 -20.28 2.79
CA GLN B 12 5.68 -19.93 3.74
C GLN B 12 4.70 -21.10 3.74
N GLU B 13 4.52 -21.73 4.89
CA GLU B 13 3.68 -22.92 5.04
C GLU B 13 2.30 -22.53 5.57
N PHE B 14 2.17 -21.28 6.06
CA PHE B 14 0.90 -20.68 6.45
C PHE B 14 0.22 -21.54 7.51
N ASP B 15 1.03 -22.04 8.45
CA ASP B 15 0.58 -22.97 9.45
C ASP B 15 0.35 -22.24 10.76
N GLY B 16 0.62 -20.93 10.82
CA GLY B 16 0.47 -20.18 12.05
C GLY B 16 -0.93 -19.62 12.23
N GLU B 17 -1.06 -18.56 13.04
CA GLU B 17 -2.34 -17.93 13.29
C GLU B 17 -2.57 -16.66 12.47
N SER B 18 -1.48 -16.01 12.02
CA SER B 18 -1.65 -14.80 11.22
C SER B 18 -0.50 -14.60 10.23
N LEU B 19 -0.80 -13.86 9.17
CA LEU B 19 0.16 -13.61 8.09
C LEU B 19 1.33 -12.83 8.66
N ASP B 20 2.55 -13.28 8.33
CA ASP B 20 3.76 -12.66 8.84
C ASP B 20 4.07 -11.36 8.07
N ARG B 21 3.84 -10.24 8.77
CA ARG B 21 4.00 -8.90 8.22
C ARG B 21 5.48 -8.57 8.04
N ASN B 22 6.38 -9.39 8.62
CA ASN B 22 7.80 -9.23 8.34
C ASN B 22 8.19 -9.95 7.06
N VAL B 23 7.25 -10.64 6.42
CA VAL B 23 7.46 -11.24 5.11
C VAL B 23 6.54 -10.59 4.07
N TRP B 24 5.27 -10.36 4.41
CA TRP B 24 4.29 -9.93 3.42
C TRP B 24 3.93 -8.46 3.60
N SER B 25 3.59 -7.81 2.49
CA SER B 25 2.91 -6.54 2.50
C SER B 25 1.58 -6.69 1.73
N TYR B 26 0.66 -5.76 1.96
CA TYR B 26 -0.60 -5.71 1.23
C TYR B 26 -0.65 -4.50 0.29
N ASP B 27 -1.09 -4.76 -0.94
CA ASP B 27 -1.50 -3.73 -1.87
C ASP B 27 -2.94 -3.38 -1.57
N VAL B 28 -3.15 -2.10 -1.27
CA VAL B 28 -4.44 -1.60 -0.82
C VAL B 28 -4.93 -0.59 -1.86
N GLY B 29 -6.22 -0.65 -2.20
CA GLY B 29 -6.84 0.34 -3.07
C GLY B 29 -7.94 -0.28 -3.92
N GLY B 30 -8.74 0.59 -4.54
CA GLY B 30 -9.85 0.19 -5.40
C GLY B 30 -9.78 0.82 -6.78
N HIS B 31 -8.55 1.07 -7.23
CA HIS B 31 -8.32 1.93 -8.37
C HIS B 31 -8.18 1.09 -9.64
N GLY B 32 -8.29 -0.23 -9.55
CA GLY B 32 -8.39 -1.05 -10.75
C GLY B 32 -7.11 -1.78 -11.14
N PHE B 33 -5.96 -1.34 -10.59
CA PHE B 33 -4.67 -2.02 -10.72
C PHE B 33 -4.23 -2.20 -12.19
N GLY B 34 -4.65 -1.26 -13.05
CA GLY B 34 -4.18 -1.21 -14.41
C GLY B 34 -5.00 -2.11 -15.33
N ASN B 35 -6.08 -2.72 -14.79
CA ASN B 35 -6.87 -3.68 -15.53
C ASN B 35 -8.38 -3.42 -15.46
N GLY B 36 -8.83 -2.31 -14.83
CA GLY B 36 -10.24 -2.05 -14.59
C GLY B 36 -10.88 -3.03 -13.60
N GLN B 37 -10.07 -3.55 -12.68
CA GLN B 37 -10.56 -4.45 -11.64
C GLN B 37 -11.54 -3.71 -10.73
N LEU B 38 -12.51 -4.48 -10.21
CA LEU B 38 -13.61 -3.91 -9.44
C LEU B 38 -13.39 -3.98 -7.93
N GLU B 39 -12.45 -4.81 -7.45
CA GLU B 39 -12.32 -5.05 -6.02
C GLU B 39 -11.47 -3.96 -5.38
N PHE B 40 -11.81 -3.65 -4.13
CA PHE B 40 -10.99 -2.83 -3.24
C PHE B 40 -10.13 -3.85 -2.46
N ASN B 41 -8.82 -3.88 -2.72
CA ASN B 41 -7.96 -4.81 -2.00
C ASN B 41 -7.63 -4.20 -0.64
N THR B 42 -7.80 -4.98 0.44
CA THR B 42 -7.64 -4.46 1.80
C THR B 42 -6.60 -5.29 2.54
N ASP B 43 -6.18 -4.77 3.71
CA ASP B 43 -5.32 -5.53 4.61
C ASP B 43 -6.10 -6.08 5.82
N ARG B 44 -7.43 -6.19 5.68
CA ARG B 44 -8.29 -6.63 6.78
C ARG B 44 -8.28 -8.15 6.94
N PRO B 45 -8.49 -8.68 8.17
CA PRO B 45 -8.63 -10.12 8.35
C PRO B 45 -9.79 -10.72 7.56
N GLU B 46 -10.81 -9.91 7.24
CA GLU B 46 -11.93 -10.38 6.44
C GLU B 46 -11.50 -10.84 5.05
N ASN B 47 -10.41 -10.27 4.49
CA ASN B 47 -10.00 -10.60 3.12
C ASN B 47 -8.77 -11.52 3.07
N ALA B 48 -7.96 -11.52 4.12
CA ALA B 48 -6.76 -12.35 4.11
C ALA B 48 -6.48 -12.84 5.51
N TYR B 49 -6.46 -14.16 5.68
CA TYR B 49 -6.25 -14.76 6.99
C TYR B 49 -5.66 -16.17 6.84
N LEU B 50 -5.14 -16.70 7.96
CA LEU B 50 -4.65 -18.07 8.04
C LEU B 50 -5.64 -18.89 8.88
N ARG B 51 -5.85 -20.14 8.49
CA ARG B 51 -6.58 -21.07 9.35
C ARG B 51 -6.32 -22.49 8.86
N ASP B 52 -6.07 -23.43 9.80
CA ASP B 52 -6.01 -24.85 9.47
C ASP B 52 -4.96 -25.16 8.40
N GLY B 53 -3.88 -24.37 8.38
CA GLY B 53 -2.72 -24.68 7.57
C GLY B 53 -2.77 -24.00 6.20
N ASN B 54 -3.77 -23.12 5.99
CA ASN B 54 -3.90 -22.40 4.74
C ASN B 54 -3.87 -20.88 4.93
N LEU B 55 -3.24 -20.18 3.98
CA LEU B 55 -3.60 -18.81 3.71
C LEU B 55 -4.94 -18.83 2.98
N VAL B 56 -5.87 -17.98 3.39
CA VAL B 56 -7.09 -17.78 2.65
C VAL B 56 -7.17 -16.34 2.19
N ILE B 57 -7.32 -16.14 0.89
CA ILE B 57 -7.68 -14.84 0.34
C ILE B 57 -9.15 -14.94 -0.05
N GLU B 58 -9.99 -14.10 0.56
CA GLU B 58 -11.43 -14.09 0.31
C GLU B 58 -11.86 -12.80 -0.37
N ALA B 59 -12.47 -12.95 -1.54
CA ALA B 59 -13.19 -11.87 -2.20
C ALA B 59 -14.67 -11.89 -1.77
N ARG B 60 -15.23 -10.69 -1.54
CA ARG B 60 -16.59 -10.53 -1.07
C ARG B 60 -17.30 -9.47 -1.90
N ARG B 61 -18.62 -9.65 -2.05
CA ARG B 61 -19.50 -8.61 -2.56
C ARG B 61 -19.89 -7.76 -1.36
N GLU B 62 -19.41 -6.50 -1.35
CA GLU B 62 -19.45 -5.66 -0.16
C GLU B 62 -19.14 -4.22 -0.55
N ALA B 63 -19.96 -3.26 -0.08
CA ALA B 63 -19.70 -1.84 -0.28
C ALA B 63 -18.49 -1.42 0.55
N TYR B 64 -17.42 -0.95 -0.09
CA TYR B 64 -16.17 -0.64 0.59
C TYR B 64 -15.35 0.33 -0.26
N GLY B 65 -15.16 1.54 0.29
CA GLY B 65 -14.27 2.56 -0.26
C GLY B 65 -14.69 3.05 -1.65
N GLY B 66 -15.99 2.98 -1.94
CA GLY B 66 -16.52 3.30 -3.26
C GLY B 66 -16.65 2.08 -4.19
N ASN B 67 -16.03 0.94 -3.85
CA ASN B 67 -16.16 -0.26 -4.67
C ASN B 67 -17.26 -1.18 -4.13
N ALA B 68 -17.63 -2.17 -4.95
CA ALA B 68 -18.72 -3.10 -4.66
C ALA B 68 -18.20 -4.45 -4.20
N PHE B 69 -16.86 -4.62 -4.18
CA PHE B 69 -16.23 -5.86 -3.74
C PHE B 69 -14.98 -5.54 -2.91
N THR B 70 -14.60 -6.49 -2.04
CA THR B 70 -13.31 -6.46 -1.37
C THR B 70 -12.56 -7.74 -1.67
N SER B 71 -11.23 -7.70 -1.55
CA SER B 71 -10.38 -8.85 -1.67
C SER B 71 -9.02 -8.48 -1.08
N ALA B 72 -7.98 -9.22 -1.46
CA ALA B 72 -6.62 -8.91 -1.05
C ALA B 72 -5.64 -9.25 -2.16
N ARG B 73 -4.49 -8.62 -2.04
CA ARG B 73 -3.37 -8.77 -2.95
C ARG B 73 -2.11 -8.61 -2.12
N ILE B 74 -1.34 -9.69 -1.99
CA ILE B 74 -0.20 -9.70 -1.09
C ILE B 74 1.06 -10.05 -1.88
N HIS B 75 2.20 -9.60 -1.37
CA HIS B 75 3.47 -9.87 -2.01
C HIS B 75 4.61 -9.75 -0.99
N THR B 76 5.82 -10.17 -1.38
CA THR B 76 6.95 -10.15 -0.46
C THR B 76 7.99 -9.11 -0.83
N ARG B 77 7.61 -8.08 -1.60
CA ARG B 77 8.55 -7.02 -1.96
C ARG B 77 9.31 -6.50 -0.74
N GLY B 78 10.65 -6.46 -0.88
CA GLY B 78 11.52 -5.89 0.14
C GLY B 78 11.90 -6.91 1.21
N ARG B 79 11.27 -8.09 1.21
CA ARG B 79 11.50 -9.06 2.28
C ARG B 79 11.91 -10.43 1.71
N PHE B 80 11.41 -10.81 0.54
CA PHE B 80 11.88 -12.02 -0.13
C PHE B 80 11.93 -11.77 -1.64
N ALA B 81 13.06 -12.15 -2.23
CA ALA B 81 13.21 -12.19 -3.67
C ALA B 81 14.24 -13.26 -4.02
N PHE B 82 14.18 -13.78 -5.24
CA PHE B 82 15.16 -14.78 -5.66
C PHE B 82 15.37 -14.67 -7.17
N GLN B 83 16.51 -15.19 -7.63
CA GLN B 83 16.83 -15.29 -9.04
C GLN B 83 17.24 -16.73 -9.32
N TYR B 84 16.40 -17.41 -10.13
CA TYR B 84 16.55 -18.80 -10.53
C TYR B 84 16.10 -19.71 -9.41
N GLY B 85 15.39 -20.78 -9.82
CA GLY B 85 14.85 -21.78 -8.91
C GLY B 85 13.50 -22.29 -9.39
N ASP B 86 12.91 -23.19 -8.61
CA ASP B 86 11.54 -23.63 -8.84
C ASP B 86 10.67 -23.06 -7.73
N LEU B 87 9.70 -22.20 -8.11
CA LEU B 87 8.76 -21.63 -7.15
C LEU B 87 7.41 -22.30 -7.38
N GLU B 88 6.89 -22.98 -6.33
CA GLU B 88 5.69 -23.78 -6.45
C GLU B 88 4.75 -23.42 -5.31
N ALA B 89 3.44 -23.39 -5.60
CA ALA B 89 2.41 -23.17 -4.59
C ALA B 89 1.31 -24.20 -4.75
N ARG B 90 0.82 -24.67 -3.60
CA ARG B 90 -0.29 -25.62 -3.56
C ARG B 90 -1.55 -24.81 -3.31
N ILE B 91 -2.44 -24.77 -4.31
CA ILE B 91 -3.55 -23.83 -4.30
C ILE B 91 -4.84 -24.53 -4.68
N LYS B 92 -5.90 -24.15 -3.96
CA LYS B 92 -7.27 -24.50 -4.34
C LYS B 92 -7.97 -23.21 -4.72
N VAL B 93 -8.14 -23.02 -6.02
CA VAL B 93 -8.80 -21.82 -6.50
C VAL B 93 -10.30 -21.89 -6.21
N PRO B 94 -10.97 -20.72 -6.07
CA PRO B 94 -12.44 -20.68 -5.99
C PRO B 94 -13.04 -20.92 -7.38
N ASP B 95 -14.35 -21.23 -7.40
CA ASP B 95 -15.14 -21.22 -8.61
C ASP B 95 -15.10 -19.80 -9.17
N THR B 96 -14.44 -19.65 -10.34
CA THR B 96 -14.31 -18.34 -10.97
C THR B 96 -15.60 -17.94 -11.68
N SER B 97 -16.52 -18.92 -11.78
CA SER B 97 -17.88 -18.80 -12.30
C SER B 97 -17.84 -17.80 -13.42
N ASP B 98 -18.49 -16.65 -13.27
CA ASP B 98 -18.06 -15.57 -14.14
C ASP B 98 -17.59 -14.37 -13.31
N GLY B 99 -16.32 -14.04 -13.51
CA GLY B 99 -15.79 -12.75 -13.15
C GLY B 99 -14.68 -12.78 -12.08
N ILE B 100 -14.49 -13.91 -11.38
CA ILE B 100 -13.41 -14.01 -10.41
C ILE B 100 -12.11 -14.32 -11.15
N TRP B 101 -11.02 -13.64 -10.72
CA TRP B 101 -9.75 -13.69 -11.41
C TRP B 101 -8.60 -13.92 -10.44
N PRO B 102 -8.38 -15.17 -9.99
CA PRO B 102 -7.23 -15.48 -9.12
C PRO B 102 -5.94 -15.49 -9.90
N ALA B 103 -4.83 -15.17 -9.22
CA ALA B 103 -3.53 -15.19 -9.85
C ALA B 103 -2.43 -15.49 -8.84
N PHE B 104 -1.42 -16.20 -9.35
CA PHE B 104 -0.13 -16.35 -8.72
C PHE B 104 0.94 -15.98 -9.75
N TRP B 105 1.75 -14.98 -9.42
CA TRP B 105 2.60 -14.34 -10.40
C TRP B 105 3.77 -13.67 -9.69
N MET B 106 4.68 -13.08 -10.49
CA MET B 106 5.94 -12.57 -9.98
C MET B 106 6.29 -11.29 -10.72
N LEU B 107 6.88 -10.33 -10.01
CA LEU B 107 7.42 -9.10 -10.59
C LEU B 107 8.92 -9.01 -10.31
N GLY B 108 9.63 -8.33 -11.22
CA GLY B 108 11.03 -8.01 -10.97
C GLY B 108 11.17 -7.19 -9.69
N ASN B 109 12.26 -7.45 -8.97
CA ASN B 109 12.49 -6.88 -7.66
C ASN B 109 12.83 -5.40 -7.74
N ASN B 110 12.97 -4.83 -8.95
CA ASN B 110 13.20 -3.41 -9.10
C ASN B 110 11.88 -2.67 -9.30
N PHE B 111 10.75 -3.40 -9.26
CA PHE B 111 9.45 -2.76 -9.27
C PHE B 111 9.10 -2.32 -7.85
N PRO B 112 8.48 -1.14 -7.63
CA PRO B 112 8.03 -0.23 -8.70
C PRO B 112 8.93 0.93 -9.16
N GLY B 113 10.17 1.02 -8.66
CA GLY B 113 11.09 2.05 -9.11
C GLY B 113 11.31 1.99 -10.62
N THR B 114 11.49 0.76 -11.12
CA THR B 114 11.47 0.47 -12.53
C THR B 114 10.05 0.11 -12.91
N VAL B 115 9.46 0.87 -13.83
CA VAL B 115 8.03 0.73 -14.14
C VAL B 115 7.75 -0.59 -14.86
N TRP B 116 6.51 -1.07 -14.70
CA TRP B 116 6.02 -2.20 -15.47
C TRP B 116 5.90 -1.76 -16.93
N PRO B 117 6.27 -2.58 -17.95
CA PRO B 117 6.82 -3.93 -17.77
C PRO B 117 8.34 -4.08 -17.84
N LYS B 118 9.07 -2.96 -17.75
CA LYS B 118 10.50 -2.98 -17.83
C LYS B 118 11.09 -3.78 -16.67
N CYS B 119 10.36 -3.87 -15.56
CA CYS B 119 10.77 -4.68 -14.42
C CYS B 119 10.69 -6.17 -14.71
N GLY B 120 9.87 -6.57 -15.70
CA GLY B 120 9.65 -7.96 -15.98
C GLY B 120 8.53 -8.53 -15.11
N ALA B 121 7.73 -9.43 -15.70
CA ALA B 121 6.70 -10.15 -14.96
C ALA B 121 6.53 -11.56 -15.52
N ALA B 122 6.22 -12.50 -14.60
CA ALA B 122 5.91 -13.86 -14.98
C ALA B 122 4.62 -14.28 -14.28
N ASP B 123 3.64 -14.71 -15.08
CA ASP B 123 2.38 -15.26 -14.60
C ASP B 123 2.50 -16.77 -14.52
N ILE B 124 2.32 -17.31 -13.30
CA ILE B 124 2.46 -18.74 -13.09
C ILE B 124 1.09 -19.38 -13.25
N LEU B 125 0.11 -18.85 -12.52
CA LEU B 125 -1.28 -19.25 -12.72
C LEU B 125 -2.14 -18.01 -12.89
N GLU B 126 -2.93 -18.03 -13.96
CA GLU B 126 -4.03 -17.11 -14.15
C GLU B 126 -5.25 -17.95 -14.54
N ILE B 127 -6.40 -17.72 -13.89
CA ILE B 127 -7.60 -18.46 -14.23
C ILE B 127 -8.78 -17.50 -14.15
N GLY B 128 -9.82 -17.79 -14.95
CA GLY B 128 -11.05 -17.02 -14.98
C GLY B 128 -11.16 -16.09 -16.21
N GLY B 129 -10.48 -16.44 -17.31
CA GLY B 129 -10.41 -15.61 -18.51
C GLY B 129 -11.69 -15.62 -19.34
N LYS B 130 -11.83 -14.59 -20.17
CA LYS B 130 -13.05 -14.43 -20.97
C LYS B 130 -13.22 -15.56 -21.99
N ASP B 131 -12.12 -16.10 -22.53
CA ASP B 131 -12.21 -17.19 -23.49
C ASP B 131 -12.81 -18.42 -22.80
N GLY B 132 -12.31 -18.71 -21.60
CA GLY B 132 -12.89 -19.71 -20.73
C GLY B 132 -14.41 -19.53 -20.59
N ILE B 133 -14.83 -18.29 -20.31
CA ILE B 133 -16.22 -18.01 -20.05
C ILE B 133 -17.03 -18.28 -21.31
N ALA B 134 -16.49 -17.91 -22.48
CA ALA B 134 -17.23 -18.10 -23.73
C ALA B 134 -17.39 -19.59 -24.03
N LYS B 135 -16.37 -20.39 -23.70
CA LYS B 135 -16.30 -21.76 -24.20
C LYS B 135 -16.79 -22.76 -23.14
N GLY B 136 -17.29 -22.28 -21.99
CA GLY B 136 -17.72 -23.19 -20.94
C GLY B 136 -16.53 -23.93 -20.30
N LEU B 137 -15.34 -23.33 -20.31
CA LEU B 137 -14.17 -23.94 -19.70
C LEU B 137 -13.71 -23.17 -18.45
N GLN B 138 -14.62 -22.45 -17.77
CA GLN B 138 -14.25 -21.73 -16.56
C GLN B 138 -13.66 -22.75 -15.57
N ASN B 139 -12.59 -22.41 -14.87
CA ASN B 139 -11.98 -23.35 -13.93
C ASN B 139 -11.20 -24.50 -14.59
N ARG B 140 -11.17 -24.60 -15.94
CA ARG B 140 -10.25 -25.53 -16.61
C ARG B 140 -9.18 -24.78 -17.41
N GLN B 141 -9.58 -23.73 -18.14
CA GLN B 141 -8.66 -22.97 -18.97
C GLN B 141 -7.85 -22.00 -18.11
N ILE B 142 -6.54 -22.21 -18.13
CA ILE B 142 -5.59 -21.37 -17.42
C ILE B 142 -4.57 -20.83 -18.43
N ASN B 143 -3.75 -19.89 -17.97
CA ASN B 143 -2.60 -19.48 -18.75
C ASN B 143 -1.43 -19.19 -17.83
N CYS B 144 -0.23 -19.28 -18.43
CA CYS B 144 0.98 -18.66 -17.93
C CYS B 144 1.41 -17.60 -18.95
N ALA B 145 2.32 -16.70 -18.52
CA ALA B 145 2.73 -15.64 -19.42
C ALA B 145 4.03 -14.96 -18.96
N LEU B 146 4.68 -14.30 -19.94
CA LEU B 146 5.70 -13.30 -19.69
C LEU B 146 5.24 -11.94 -20.21
N HIS B 147 5.44 -10.90 -19.36
CA HIS B 147 5.21 -9.51 -19.75
C HIS B 147 6.49 -8.72 -19.49
N PHE B 148 7.03 -8.06 -20.52
CA PHE B 148 8.34 -7.43 -20.40
C PHE B 148 8.47 -6.35 -21.46
N ALA B 149 9.60 -5.63 -21.41
CA ALA B 149 9.96 -4.65 -22.43
C ALA B 149 10.79 -5.36 -23.50
N GLY B 150 10.17 -5.54 -24.67
CA GLY B 150 10.77 -6.32 -25.75
C GLY B 150 11.70 -5.48 -26.65
N VAL B 151 11.78 -5.86 -27.93
CA VAL B 151 12.65 -5.13 -28.84
C VAL B 151 12.13 -3.70 -28.86
N GLY B 152 13.05 -2.74 -28.85
CA GLY B 152 12.72 -1.33 -28.82
C GLY B 152 12.15 -0.89 -27.47
N GLU B 153 12.17 -1.79 -26.48
CA GLU B 153 11.86 -1.47 -25.10
C GLU B 153 10.36 -1.29 -24.89
N GLN B 154 9.52 -1.87 -25.77
CA GLN B 154 8.09 -1.66 -25.69
C GLN B 154 7.37 -2.94 -25.22
N LYS B 155 6.21 -2.75 -24.58
CA LYS B 155 5.46 -3.81 -23.93
C LYS B 155 5.31 -5.01 -24.87
N THR B 156 5.74 -6.18 -24.38
CA THR B 156 5.65 -7.44 -25.12
C THR B 156 5.04 -8.48 -24.19
N SER B 157 4.14 -9.32 -24.71
CA SER B 157 3.55 -10.41 -23.95
C SER B 157 3.72 -11.74 -24.69
N LEU B 158 4.10 -12.79 -23.95
CA LEU B 158 4.07 -14.15 -24.44
C LEU B 158 3.11 -14.93 -23.56
N VAL B 159 2.10 -15.58 -24.16
CA VAL B 159 1.05 -16.25 -23.42
C VAL B 159 0.86 -17.68 -23.93
N GLU B 160 0.77 -18.62 -22.98
CA GLU B 160 0.42 -20.00 -23.29
C GLU B 160 -0.84 -20.39 -22.52
N TRP B 161 -1.85 -20.85 -23.27
CA TRP B 161 -3.12 -21.30 -22.72
C TRP B 161 -3.10 -22.82 -22.58
N PHE B 162 -3.76 -23.33 -21.54
CA PHE B 162 -3.90 -24.76 -21.32
C PHE B 162 -5.28 -25.07 -20.75
N ASP B 163 -5.95 -26.05 -21.36
CA ASP B 163 -7.20 -26.57 -20.84
C ASP B 163 -6.88 -27.74 -19.93
N ALA B 164 -6.93 -27.50 -18.62
CA ALA B 164 -6.61 -28.55 -17.66
C ALA B 164 -7.65 -29.66 -17.79
N PRO B 165 -7.26 -30.93 -17.54
CA PRO B 165 -8.18 -32.05 -17.72
C PRO B 165 -9.27 -32.18 -16.65
N VAL B 166 -9.17 -31.43 -15.56
CA VAL B 166 -10.09 -31.54 -14.43
C VAL B 166 -10.45 -30.14 -13.94
N ASP B 167 -11.61 -30.01 -13.30
CA ASP B 167 -12.05 -28.76 -12.71
C ASP B 167 -11.15 -28.41 -11.53
N LEU B 168 -10.35 -27.34 -11.69
CA LEU B 168 -9.28 -27.04 -10.75
C LEU B 168 -9.79 -26.45 -9.43
N HIS B 169 -11.07 -26.01 -9.39
CA HIS B 169 -11.61 -25.42 -8.17
C HIS B 169 -12.04 -26.51 -7.18
N LEU B 170 -12.03 -27.77 -7.62
CA LEU B 170 -12.55 -28.87 -6.83
C LEU B 170 -11.53 -29.36 -5.80
N ASP B 171 -10.24 -29.02 -5.97
CA ASP B 171 -9.20 -29.55 -5.09
C ASP B 171 -7.94 -28.73 -5.26
N TYR B 172 -6.94 -29.00 -4.43
CA TYR B 172 -5.65 -28.35 -4.49
C TYR B 172 -4.92 -28.86 -5.72
N HIS B 173 -4.17 -27.96 -6.36
CA HIS B 173 -3.23 -28.33 -7.40
C HIS B 173 -1.91 -27.62 -7.16
N LEU B 174 -0.88 -28.13 -7.81
CA LEU B 174 0.45 -27.54 -7.72
C LEU B 174 0.71 -26.70 -8.96
N TYR B 175 1.07 -25.44 -8.71
CA TYR B 175 1.38 -24.49 -9.76
C TYR B 175 2.82 -24.02 -9.60
N LYS B 176 3.64 -24.23 -10.64
CA LYS B 176 5.09 -24.07 -10.52
C LYS B 176 5.68 -23.36 -11.74
N ILE B 177 6.66 -22.50 -11.48
CA ILE B 177 7.61 -22.04 -12.48
C ILE B 177 8.96 -22.70 -12.22
N SER B 178 9.63 -23.11 -13.31
CA SER B 178 11.01 -23.52 -13.25
C SER B 178 11.87 -22.53 -14.03
N TRP B 179 12.80 -21.86 -13.35
CA TRP B 179 13.48 -20.67 -13.87
C TRP B 179 15.00 -20.90 -13.82
N THR B 180 15.60 -21.00 -15.01
CA THR B 180 17.04 -21.22 -15.13
C THR B 180 17.67 -20.03 -15.86
N PRO B 181 19.00 -19.97 -16.00
CA PRO B 181 19.63 -18.95 -16.84
C PRO B 181 19.20 -19.00 -18.32
N THR B 182 18.63 -20.14 -18.77
CA THR B 182 18.26 -20.27 -20.17
C THR B 182 16.73 -20.19 -20.37
N HIS B 183 15.89 -20.64 -19.39
CA HIS B 183 14.45 -20.77 -19.64
C HIS B 183 13.58 -20.36 -18.45
N MET B 184 12.28 -20.09 -18.74
CA MET B 184 11.22 -20.16 -17.75
C MET B 184 10.15 -21.15 -18.21
N LYS B 185 9.85 -22.14 -17.36
CA LYS B 185 8.88 -23.19 -17.67
C LYS B 185 7.78 -23.21 -16.62
N PHE B 186 6.55 -23.57 -17.03
CA PHE B 186 5.38 -23.53 -16.18
C PHE B 186 4.68 -24.89 -16.16
N PHE B 187 4.22 -25.27 -14.96
CA PHE B 187 3.75 -26.62 -14.67
C PHE B 187 2.45 -26.61 -13.89
N LEU B 188 1.61 -27.59 -14.21
CA LEU B 188 0.45 -27.94 -13.42
C LEU B 188 0.61 -29.40 -12.99
N ASP B 189 0.62 -29.61 -11.67
CA ASP B 189 0.85 -30.91 -11.08
C ASP B 189 2.04 -31.58 -11.75
N GLY B 190 3.14 -30.82 -11.89
CA GLY B 190 4.39 -31.41 -12.35
C GLY B 190 4.47 -31.54 -13.87
N LYS B 191 3.36 -31.29 -14.59
CA LYS B 191 3.33 -31.41 -16.03
C LYS B 191 3.50 -30.03 -16.65
N GLU B 192 4.51 -29.92 -17.53
CA GLU B 192 4.85 -28.66 -18.19
C GLU B 192 3.74 -28.26 -19.16
N PHE B 193 3.28 -27.01 -19.08
CA PHE B 193 2.33 -26.54 -20.08
C PHE B 193 2.81 -25.25 -20.76
N GLY B 194 3.99 -24.74 -20.39
CA GLY B 194 4.53 -23.53 -21.00
C GLY B 194 6.04 -23.48 -20.82
N SER B 195 6.71 -22.83 -21.79
CA SER B 195 8.16 -22.73 -21.82
C SER B 195 8.58 -21.62 -22.77
N TRP B 196 9.46 -20.73 -22.30
CA TRP B 196 10.13 -19.74 -23.13
C TRP B 196 11.62 -19.68 -22.82
N ASP B 197 12.43 -19.57 -23.88
CA ASP B 197 13.84 -19.20 -23.76
C ASP B 197 13.92 -17.73 -23.35
N ILE B 198 14.82 -17.40 -22.40
CA ILE B 198 14.93 -16.04 -21.89
C ILE B 198 16.36 -15.52 -22.08
N THR B 199 17.10 -16.02 -23.09
CA THR B 199 18.49 -15.66 -23.27
C THR B 199 18.67 -14.46 -24.22
N ALA B 200 17.60 -14.03 -24.91
CA ALA B 200 17.72 -12.96 -25.90
C ALA B 200 17.99 -11.64 -25.20
N SER B 201 18.72 -10.73 -25.86
CA SER B 201 19.17 -9.49 -25.25
C SER B 201 18.01 -8.66 -24.72
N GLU B 202 16.83 -8.77 -25.34
CA GLU B 202 15.70 -7.97 -24.93
C GLU B 202 15.03 -8.53 -23.67
N MET B 203 15.52 -9.66 -23.15
CA MET B 203 14.87 -10.27 -22.00
C MET B 203 15.81 -10.29 -20.78
N LYS B 204 16.72 -9.30 -20.69
CA LYS B 204 17.65 -9.21 -19.58
C LYS B 204 16.92 -8.97 -18.25
N GLU B 205 15.68 -8.40 -18.30
CA GLU B 205 14.82 -8.26 -17.14
C GLU B 205 14.67 -9.56 -16.36
N TYR B 206 14.88 -10.71 -17.01
CA TYR B 206 14.59 -12.01 -16.38
C TYR B 206 15.86 -12.59 -15.77
N HIS B 207 16.92 -11.80 -15.66
CA HIS B 207 18.15 -12.23 -15.00
C HIS B 207 18.45 -11.24 -13.87
N GLN B 208 17.42 -11.01 -13.06
CA GLN B 208 17.51 -10.27 -11.81
C GLN B 208 16.59 -10.97 -10.81
N PRO B 209 16.63 -10.66 -9.49
CA PRO B 209 15.66 -11.17 -8.53
C PRO B 209 14.23 -10.74 -8.86
N PHE B 210 13.30 -11.63 -8.51
CA PHE B 210 11.86 -11.45 -8.65
C PHE B 210 11.18 -11.81 -7.32
N TYR B 211 9.99 -11.26 -7.08
CA TYR B 211 9.22 -11.62 -5.89
C TYR B 211 7.83 -12.09 -6.32
N PRO B 212 7.21 -12.98 -5.54
CA PRO B 212 5.84 -13.43 -5.82
C PRO B 212 4.70 -12.54 -5.29
N ILE B 213 3.53 -12.70 -5.91
CA ILE B 213 2.30 -11.99 -5.58
C ILE B 213 1.18 -13.00 -5.63
N LEU B 214 0.21 -12.88 -4.69
CA LEU B 214 -1.00 -13.70 -4.69
C LEU B 214 -2.20 -12.78 -4.49
N ASN B 215 -3.25 -12.97 -5.30
CA ASN B 215 -4.40 -12.09 -5.25
C ASN B 215 -5.62 -12.81 -5.84
N VAL B 216 -6.80 -12.28 -5.52
CA VAL B 216 -8.01 -12.65 -6.22
C VAL B 216 -8.72 -11.37 -6.63
N ALA B 217 -8.63 -11.07 -7.93
CA ALA B 217 -9.32 -9.93 -8.49
C ALA B 217 -10.76 -10.28 -8.82
N VAL B 218 -11.57 -9.23 -8.94
CA VAL B 218 -12.94 -9.33 -9.42
C VAL B 218 -13.10 -8.37 -10.60
N GLY B 219 -13.37 -8.94 -11.77
CA GLY B 219 -13.69 -8.17 -12.94
C GLY B 219 -12.44 -7.56 -13.57
N SER B 220 -12.66 -6.90 -14.71
CA SER B 220 -11.65 -6.18 -15.46
C SER B 220 -12.39 -5.38 -16.52
N TRP B 221 -11.68 -4.52 -17.24
CA TRP B 221 -12.22 -3.96 -18.46
C TRP B 221 -12.68 -5.08 -19.40
N THR B 222 -13.63 -4.76 -20.30
CA THR B 222 -14.13 -5.72 -21.28
C THR B 222 -12.97 -6.26 -22.13
N HIS B 223 -12.01 -5.39 -22.45
CA HIS B 223 -10.88 -5.77 -23.29
C HIS B 223 -9.76 -6.44 -22.49
N SER B 224 -9.93 -6.51 -21.16
CA SER B 224 -8.92 -7.11 -20.29
C SER B 224 -9.36 -8.54 -19.97
N TYR B 225 -8.81 -9.12 -18.91
CA TYR B 225 -8.72 -10.56 -18.75
C TYR B 225 -10.09 -11.25 -18.64
N THR B 226 -11.04 -10.72 -17.83
CA THR B 226 -12.29 -11.44 -17.56
C THR B 226 -13.41 -11.06 -18.53
N GLY B 227 -13.28 -9.91 -19.18
CA GLY B 227 -14.33 -9.43 -20.04
C GLY B 227 -15.52 -8.80 -19.31
N LEU B 228 -15.50 -8.72 -17.98
CA LEU B 228 -16.69 -8.31 -17.24
C LEU B 228 -16.37 -7.12 -16.36
N ASP B 229 -16.95 -5.95 -16.69
CA ASP B 229 -16.43 -4.67 -16.24
C ASP B 229 -17.34 -3.96 -15.24
N THR B 230 -18.47 -4.58 -14.87
CA THR B 230 -19.38 -3.95 -13.92
C THR B 230 -19.72 -4.96 -12.82
N PRO B 231 -20.09 -4.44 -11.64
CA PRO B 231 -20.51 -5.31 -10.54
C PRO B 231 -21.69 -6.21 -10.93
N GLU B 232 -22.57 -5.70 -11.81
CA GLU B 232 -23.78 -6.43 -12.17
C GLU B 232 -23.42 -7.59 -13.10
N LYS B 233 -22.26 -7.53 -13.78
CA LYS B 233 -21.87 -8.59 -14.69
C LYS B 233 -21.11 -9.72 -13.97
N ILE B 234 -20.76 -9.50 -12.70
CA ILE B 234 -20.09 -10.55 -11.95
C ILE B 234 -21.18 -11.48 -11.40
N THR B 235 -21.10 -12.76 -11.77
CA THR B 235 -22.10 -13.73 -11.36
C THR B 235 -21.50 -14.74 -10.38
N ALA B 236 -20.19 -14.70 -10.16
CA ALA B 236 -19.55 -15.75 -9.40
C ALA B 236 -20.04 -15.76 -7.95
N THR B 237 -19.93 -16.95 -7.35
CA THR B 237 -20.32 -17.17 -5.97
C THR B 237 -19.35 -16.39 -5.09
N LEU B 238 -19.93 -15.55 -4.23
CA LEU B 238 -19.17 -14.76 -3.26
C LEU B 238 -19.84 -14.91 -1.90
N PRO B 239 -19.08 -15.11 -0.80
CA PRO B 239 -17.61 -15.04 -0.85
C PRO B 239 -16.91 -16.15 -1.65
N ALA B 240 -15.75 -15.78 -2.22
CA ALA B 240 -14.93 -16.66 -3.03
C ALA B 240 -13.58 -16.80 -2.34
N ARG B 241 -13.13 -18.02 -2.06
CA ARG B 241 -11.94 -18.23 -1.27
C ARG B 241 -10.90 -18.97 -2.09
N MET B 242 -9.71 -18.36 -2.20
CA MET B 242 -8.54 -19.05 -2.69
C MET B 242 -7.75 -19.55 -1.48
N TYR B 243 -7.57 -20.87 -1.37
CA TYR B 243 -6.79 -21.49 -0.30
C TYR B 243 -5.38 -21.79 -0.79
N VAL B 244 -4.37 -21.36 -0.02
CA VAL B 244 -2.99 -21.63 -0.37
C VAL B 244 -2.35 -22.36 0.81
N ASP B 245 -2.05 -23.63 0.61
CA ASP B 245 -1.51 -24.46 1.67
C ASP B 245 -0.04 -24.08 1.89
N TRP B 246 0.66 -23.80 0.80
CA TRP B 246 2.05 -23.42 0.93
C TRP B 246 2.57 -22.81 -0.35
N ILE B 247 3.65 -22.03 -0.19
CA ILE B 247 4.47 -21.59 -1.30
C ILE B 247 5.91 -21.89 -0.91
N ARG B 248 6.61 -22.58 -1.82
CA ARG B 248 7.97 -23.03 -1.58
C ARG B 248 8.90 -22.65 -2.73
N LEU B 249 10.14 -22.27 -2.37
CA LEU B 249 11.23 -22.19 -3.32
C LEU B 249 12.14 -23.41 -3.19
N TYR B 250 12.23 -24.19 -4.27
CA TYR B 250 13.24 -25.23 -4.39
C TYR B 250 14.47 -24.64 -5.06
N GLY B 251 15.61 -24.76 -4.38
CA GLY B 251 16.86 -24.15 -4.80
C GLY B 251 17.51 -24.86 -5.98
N HIS B 252 18.15 -24.07 -6.85
CA HIS B 252 19.11 -24.62 -7.80
C HIS B 252 20.51 -24.18 -7.37
N PRO B 253 21.59 -24.79 -7.92
CA PRO B 253 22.95 -24.29 -7.68
C PRO B 253 23.12 -22.78 -7.90
N GLU B 254 22.53 -22.27 -8.98
CA GLU B 254 22.74 -20.90 -9.41
C GLU B 254 21.73 -19.94 -8.76
N THR B 255 20.89 -20.44 -7.84
CA THR B 255 19.91 -19.59 -7.21
C THR B 255 20.62 -18.50 -6.40
N LYS B 256 20.13 -17.27 -6.54
CA LYS B 256 20.52 -16.16 -5.68
C LYS B 256 19.33 -15.82 -4.80
N LEU B 257 19.54 -15.82 -3.49
CA LEU B 257 18.47 -15.49 -2.56
C LEU B 257 18.69 -14.09 -2.00
N VAL B 258 17.64 -13.27 -1.99
CA VAL B 258 17.70 -12.00 -1.29
C VAL B 258 16.68 -11.96 -0.17
N GLN B 259 17.17 -11.82 1.06
CA GLN B 259 16.31 -11.85 2.25
C GLN B 259 16.80 -10.87 3.30
N ASN B 260 16.14 -9.70 3.38
CA ASN B 260 16.50 -8.71 4.39
C ASN B 260 15.28 -8.50 5.32
#